data_1IQJ
#
_entry.id   1IQJ
#
_cell.length_a   72.000
_cell.length_b   78.160
_cell.length_c   56.750
_cell.angle_alpha   90.00
_cell.angle_beta   90.00
_cell.angle_gamma   90.00
#
_symmetry.space_group_name_H-M   'P 21 21 21'
#
loop_
_entity.id
_entity.type
_entity.pdbx_description
1 polymer 'coagulation Factor Xa'
2 polymer 'coagulation Factor Xa'
3 non-polymer 'CALCIUM ION'
4 non-polymer '4-[(6-CHLORO-2-NAPHTHALENYL)SULFONYL]-1-[[1-(4-PYRIDINYL)-4-PIPERIDINYL]METHYL]-2-PIPERAZINECARBOXYLIC ACID ETHYL ESTER'
#
loop_
_entity_poly.entity_id
_entity_poly.type
_entity_poly.pdbx_seq_one_letter_code
_entity_poly.pdbx_strand_id
1 'polypeptide(L)'
;IVGGQECKDGECPWQALLINEENEGFCGGTILSEFYILTAAHCLYQAKRFKVRVGDRNTEQEEGGEAVHEVEVVIKHNRF
TKETYDFDIAVLRLKTPITFRMNVAPACLPERDWAESTLMTQKTGIVSGFGRTHEKGRQSTRLKMLEVPYVDRNSCKLSS
SFIITQNMFCAGYDTKQEDACQGDSGGPHVTRFKDTYFVTGIVSWGEGCARKGKYGIYTKVTAFLKWIDRSMKTR
;
A
2 'polypeptide(L)'
;YKDGDQCETSPCQNQGKCKDGLGEYTCTCLEGFEGKNCELFTRKLCSLDNGDCDQFCHEEQNSVVCSCARGYTLADNGKA
CIPTGPYPCGKQTLER
;
L
#
loop_
_chem_comp.id
_chem_comp.type
_chem_comp.name
_chem_comp.formula
CA non-polymer 'CALCIUM ION' 'Ca 2'
XMH non-polymer '4-[(6-CHLORO-2-NAPHTHALENYL)SULFONYL]-1-[[1-(4-PYRIDINYL)-4-PIPERIDINYL]METHYL]-2-PIPERAZINECARBOXYLIC ACID ETHYL ESTER' 'C28 H33 Cl N4 O4 S'
#
# COMPACT_ATOMS: atom_id res chain seq x y z
N ILE A 1 -12.71 -4.32 -5.42
CA ILE A 1 -12.28 -3.29 -6.40
C ILE A 1 -13.36 -3.00 -7.44
N VAL A 2 -14.14 -1.95 -7.21
CA VAL A 2 -15.20 -1.57 -8.15
C VAL A 2 -14.53 -0.92 -9.35
N GLY A 3 -15.01 -1.20 -10.55
CA GLY A 3 -14.41 -0.63 -11.75
C GLY A 3 -12.97 -1.09 -11.87
N GLY A 4 -12.07 -0.17 -12.13
CA GLY A 4 -10.66 -0.50 -12.24
C GLY A 4 -10.35 -1.55 -13.29
N GLN A 5 -9.08 -1.76 -13.55
CA GLN A 5 -8.66 -2.75 -14.55
C GLN A 5 -8.28 -4.08 -13.89
N GLU A 6 -7.27 -4.76 -14.44
CA GLU A 6 -6.83 -6.06 -13.92
C GLU A 6 -5.31 -6.16 -13.73
N CYS A 7 -4.86 -6.45 -12.52
CA CYS A 7 -3.43 -6.59 -12.27
C CYS A 7 -2.86 -7.67 -13.18
N LYS A 8 -1.97 -7.29 -14.09
CA LYS A 8 -1.35 -8.23 -15.00
C LYS A 8 -0.14 -8.85 -14.33
N ASP A 9 0.59 -9.66 -15.08
CA ASP A 9 1.77 -10.33 -14.56
C ASP A 9 2.79 -9.34 -14.02
N GLY A 10 3.25 -9.55 -12.80
CA GLY A 10 4.24 -8.67 -12.19
C GLY A 10 3.96 -7.18 -12.30
N GLU A 11 2.70 -6.80 -12.19
CA GLU A 11 2.28 -5.41 -12.29
C GLU A 11 1.81 -4.93 -10.91
N CYS A 12 1.68 -5.86 -9.97
CA CYS A 12 1.25 -5.56 -8.61
C CYS A 12 1.93 -6.58 -7.69
N PRO A 13 3.25 -6.79 -7.88
CA PRO A 13 4.06 -7.75 -7.12
C PRO A 13 4.17 -7.52 -5.62
N TRP A 14 3.68 -6.40 -5.12
CA TRP A 14 3.76 -6.12 -3.70
C TRP A 14 2.47 -6.53 -3.03
N GLN A 15 1.47 -6.85 -3.84
CA GLN A 15 0.16 -7.26 -3.35
C GLN A 15 0.22 -8.55 -2.51
N ALA A 16 -0.48 -8.53 -1.40
CA ALA A 16 -0.50 -9.68 -0.54
C ALA A 16 -1.92 -9.86 0.02
N LEU A 17 -2.35 -11.12 0.12
CA LEU A 17 -3.68 -11.46 0.62
C LEU A 17 -3.58 -12.30 1.90
N LEU A 18 -4.46 -12.00 2.86
CA LEU A 18 -4.51 -12.72 4.13
C LEU A 18 -5.65 -13.72 4.05
N ILE A 19 -5.32 -15.01 4.19
CA ILE A 19 -6.30 -16.09 4.12
C ILE A 19 -6.73 -16.65 5.48
N ASN A 20 -7.94 -17.16 5.55
CA ASN A 20 -8.46 -17.73 6.80
C ASN A 20 -8.29 -19.24 6.80
N GLU A 21 -8.68 -19.87 7.91
CA GLU A 21 -8.57 -21.32 8.08
C GLU A 21 -9.41 -22.06 7.05
N GLU A 22 -10.28 -21.33 6.38
CA GLU A 22 -11.13 -21.90 5.34
C GLU A 22 -10.47 -21.53 4.01
N ASN A 23 -9.24 -21.04 4.12
CA ASN A 23 -8.43 -20.64 2.97
C ASN A 23 -8.93 -19.43 2.22
N GLU A 24 -10.08 -18.93 2.63
CA GLU A 24 -10.68 -17.77 1.98
C GLU A 24 -9.85 -16.51 2.24
N GLY A 25 -9.68 -15.68 1.21
CA GLY A 25 -8.94 -14.46 1.36
C GLY A 25 -9.88 -13.40 1.90
N PHE A 26 -9.61 -12.89 3.10
CA PHE A 26 -10.48 -11.88 3.71
C PHE A 26 -9.95 -10.44 3.70
N CYS A 27 -8.64 -10.26 3.59
CA CYS A 27 -8.06 -8.92 3.57
C CYS A 27 -6.83 -8.80 2.68
N GLY A 28 -6.29 -7.60 2.60
CA GLY A 28 -5.11 -7.34 1.80
C GLY A 28 -3.89 -7.05 2.64
N GLY A 29 -2.79 -6.68 1.99
CA GLY A 29 -1.56 -6.36 2.70
C GLY A 29 -0.51 -5.91 1.71
N THR A 30 0.63 -5.43 2.19
CA THR A 30 1.69 -4.98 1.31
C THR A 30 3.04 -5.54 1.77
N ILE A 31 3.75 -6.20 0.85
CA ILE A 31 5.06 -6.76 1.14
C ILE A 31 6.10 -5.65 1.24
N LEU A 32 6.53 -5.34 2.46
CA LEU A 32 7.51 -4.27 2.68
C LEU A 32 8.91 -4.87 2.58
N SER A 33 9.06 -6.07 3.15
CA SER A 33 10.34 -6.77 3.14
C SER A 33 10.11 -8.28 3.07
N GLU A 34 11.19 -9.03 2.92
CA GLU A 34 11.13 -10.49 2.84
C GLU A 34 10.52 -11.07 4.11
N PHE A 35 10.58 -10.30 5.19
CA PHE A 35 10.04 -10.75 6.48
C PHE A 35 8.79 -10.03 6.96
N TYR A 36 8.61 -8.79 6.53
CA TYR A 36 7.48 -7.97 6.97
C TYR A 36 6.39 -7.57 6.01
N ILE A 37 5.15 -7.67 6.48
CA ILE A 37 3.94 -7.33 5.72
C ILE A 37 3.11 -6.22 6.38
N LEU A 38 2.76 -5.22 5.58
CA LEU A 38 1.97 -4.09 6.08
C LEU A 38 0.48 -4.31 5.86
N THR A 39 -0.31 -4.19 6.93
CA THR A 39 -1.77 -4.37 6.82
C THR A 39 -2.60 -3.46 7.77
N ALA A 40 -3.91 -3.53 7.63
CA ALA A 40 -4.80 -2.75 8.46
C ALA A 40 -5.05 -3.45 9.78
N ALA A 41 -4.99 -2.69 10.86
CA ALA A 41 -5.22 -3.21 12.19
C ALA A 41 -6.59 -3.88 12.30
N HIS A 42 -7.61 -3.25 11.72
CA HIS A 42 -8.97 -3.79 11.81
C HIS A 42 -9.18 -5.10 11.09
N CYS A 43 -8.18 -5.52 10.30
CA CYS A 43 -8.27 -6.78 9.56
C CYS A 43 -7.93 -7.97 10.47
N LEU A 44 -7.27 -7.70 11.58
CA LEU A 44 -6.89 -8.75 12.51
C LEU A 44 -8.10 -9.20 13.33
N TYR A 45 -9.30 -8.96 12.82
CA TYR A 45 -10.51 -9.34 13.54
C TYR A 45 -11.44 -10.30 12.82
N GLN A 46 -11.49 -10.22 11.49
CA GLN A 46 -12.36 -11.11 10.71
C GLN A 46 -11.74 -12.49 10.55
N ALA A 47 -10.96 -12.90 11.54
CA ALA A 47 -10.31 -14.21 11.53
C ALA A 47 -9.70 -14.49 12.90
N LYS A 48 -9.81 -15.74 13.35
CA LYS A 48 -9.27 -16.15 14.64
C LYS A 48 -7.78 -16.45 14.46
N ARG A 49 -7.46 -17.14 13.38
CA ARG A 49 -6.09 -17.53 13.05
C ARG A 49 -6.04 -17.52 11.51
N PHE A 50 -5.19 -16.67 10.94
CA PHE A 50 -5.08 -16.55 9.48
C PHE A 50 -3.63 -16.74 8.99
N LYS A 51 -3.47 -16.80 7.67
CA LYS A 51 -2.16 -16.95 7.04
C LYS A 51 -2.07 -15.89 5.92
N VAL A 52 -0.89 -15.72 5.34
CA VAL A 52 -0.74 -14.73 4.27
C VAL A 52 -0.20 -15.33 2.96
N ARG A 53 -1.04 -15.29 1.93
CA ARG A 53 -0.66 -15.80 0.62
C ARG A 53 -0.11 -14.64 -0.18
N VAL A 54 0.87 -14.91 -1.03
CA VAL A 54 1.48 -13.88 -1.86
C VAL A 54 1.84 -14.47 -3.23
N GLY A 55 2.00 -13.60 -4.22
CA GLY A 55 2.33 -14.06 -5.56
C GLY A 55 1.17 -14.76 -6.24
N ASP A 56 -0.05 -14.41 -5.83
CA ASP A 56 -1.26 -15.01 -6.39
C ASP A 56 -2.05 -13.95 -7.16
N ARG A 57 -2.36 -14.20 -8.42
CA ARG A 57 -3.13 -13.24 -9.21
C ARG A 57 -4.54 -13.73 -9.50
N ASN A 58 -4.72 -15.05 -9.50
CA ASN A 58 -6.02 -15.65 -9.75
C ASN A 58 -6.35 -16.66 -8.65
N THR A 59 -7.45 -16.46 -7.94
CA THR A 59 -7.81 -17.37 -6.86
C THR A 59 -8.72 -18.50 -7.34
N GLU A 60 -8.30 -19.15 -8.41
CA GLU A 60 -9.05 -20.26 -9.00
C GLU A 60 -8.10 -21.15 -9.83
N GLN A 61 -7.51 -20.55 -10.85
CA GLN A 61 -6.58 -21.23 -11.73
C GLN A 61 -5.19 -21.24 -11.08
N GLU A 62 -4.65 -22.42 -10.81
CA GLU A 62 -3.33 -22.51 -10.18
C GLU A 62 -2.17 -22.10 -11.09
N GLU A 63 -1.43 -21.09 -10.66
CA GLU A 63 -0.28 -20.59 -11.41
C GLU A 63 0.93 -21.30 -10.84
N GLY A 64 1.97 -20.54 -10.49
CA GLY A 64 3.16 -21.18 -9.95
C GLY A 64 3.93 -20.33 -8.96
N GLY A 65 3.81 -19.01 -9.08
CA GLY A 65 4.52 -18.13 -8.18
C GLY A 65 3.88 -17.91 -6.82
N GLU A 66 2.71 -18.49 -6.60
CA GLU A 66 2.05 -18.33 -5.33
C GLU A 66 2.97 -18.87 -4.24
N ALA A 67 2.55 -18.73 -2.98
CA ALA A 67 3.31 -19.20 -1.84
C ALA A 67 2.62 -18.75 -0.55
N VAL A 68 2.42 -19.66 0.41
CA VAL A 68 1.78 -19.32 1.67
C VAL A 68 2.79 -19.11 2.79
N HIS A 69 2.48 -18.20 3.70
CA HIS A 69 3.38 -17.91 4.81
C HIS A 69 2.62 -17.87 6.12
N GLU A 70 3.36 -17.95 7.22
CA GLU A 70 2.73 -17.92 8.52
C GLU A 70 3.20 -16.75 9.37
N VAL A 71 2.24 -16.06 9.97
CA VAL A 71 2.53 -14.91 10.81
C VAL A 71 3.28 -15.43 12.04
N GLU A 72 4.45 -14.86 12.31
CA GLU A 72 5.22 -15.27 13.48
C GLU A 72 4.79 -14.40 14.64
N VAL A 73 4.58 -13.11 14.35
CA VAL A 73 4.12 -12.12 15.34
C VAL A 73 3.30 -11.00 14.67
N VAL A 74 2.12 -10.72 15.22
CA VAL A 74 1.31 -9.63 14.69
C VAL A 74 1.69 -8.41 15.53
N ILE A 75 1.77 -7.25 14.88
CA ILE A 75 2.10 -6.01 15.57
C ILE A 75 0.98 -4.96 15.36
N LYS A 76 -0.05 -5.03 16.19
CA LYS A 76 -1.17 -4.11 16.09
C LYS A 76 -0.82 -2.81 16.79
N HIS A 77 -1.20 -1.69 16.19
CA HIS A 77 -0.94 -0.37 16.76
C HIS A 77 -1.80 -0.26 18.02
N ASN A 78 -1.16 -0.12 19.16
CA ASN A 78 -1.89 -0.01 20.41
C ASN A 78 -3.10 0.93 20.29
N ARG A 79 -2.84 2.16 19.87
CA ARG A 79 -3.85 3.21 19.74
C ARG A 79 -5.05 2.94 18.84
N PHE A 80 -5.17 1.75 18.25
CA PHE A 80 -6.31 1.47 17.38
C PHE A 80 -7.65 1.39 18.14
N THR A 81 -8.72 1.79 17.46
CA THR A 81 -10.05 1.76 18.05
C THR A 81 -11.05 1.48 16.93
N LYS A 82 -11.72 0.34 17.04
CA LYS A 82 -12.72 -0.06 16.04
C LYS A 82 -13.79 1.01 15.97
N GLU A 83 -13.97 1.70 17.09
CA GLU A 83 -14.96 2.76 17.24
C GLU A 83 -14.72 3.98 16.34
N THR A 84 -13.50 4.10 15.82
CA THR A 84 -13.18 5.23 14.96
C THR A 84 -12.26 4.87 13.81
N TYR A 85 -11.69 3.68 13.84
CA TYR A 85 -10.79 3.24 12.79
C TYR A 85 -9.57 4.16 12.75
N ASP A 86 -9.14 4.62 13.93
CA ASP A 86 -7.99 5.49 13.99
C ASP A 86 -6.74 4.67 14.26
N PHE A 87 -5.71 4.92 13.48
CA PHE A 87 -4.44 4.20 13.57
C PHE A 87 -4.68 2.82 12.99
N ASP A 88 -5.44 2.78 11.91
CA ASP A 88 -5.74 1.52 11.26
C ASP A 88 -4.47 1.05 10.57
N ILE A 89 -3.68 0.26 11.28
CA ILE A 89 -2.42 -0.25 10.76
C ILE A 89 -1.80 -1.30 11.67
N ALA A 90 -1.13 -2.28 11.06
CA ALA A 90 -0.46 -3.34 11.80
C ALA A 90 0.66 -3.84 10.92
N VAL A 91 1.62 -4.53 11.51
CA VAL A 91 2.71 -5.07 10.73
C VAL A 91 2.98 -6.52 11.12
N LEU A 92 2.88 -7.40 10.13
CA LEU A 92 3.07 -8.84 10.29
C LEU A 92 4.48 -9.36 10.00
N ARG A 93 5.09 -9.99 11.00
CA ARG A 93 6.42 -10.58 10.87
C ARG A 93 6.23 -12.02 10.45
N LEU A 94 6.77 -12.39 9.29
CA LEU A 94 6.62 -13.76 8.84
C LEU A 94 7.69 -14.67 9.42
N LYS A 95 7.39 -15.97 9.47
CA LYS A 95 8.34 -16.96 9.99
C LYS A 95 9.37 -17.33 8.91
N THR A 96 8.90 -17.41 7.67
CA THR A 96 9.77 -17.77 6.57
C THR A 96 9.99 -16.56 5.66
N PRO A 97 11.25 -16.24 5.35
CA PRO A 97 11.41 -15.08 4.48
C PRO A 97 10.71 -15.29 3.15
N ILE A 98 10.17 -14.21 2.60
CA ILE A 98 9.48 -14.23 1.30
C ILE A 98 10.55 -14.26 0.20
N THR A 99 10.36 -15.11 -0.81
CA THR A 99 11.36 -15.22 -1.88
C THR A 99 10.96 -14.48 -3.15
N PHE A 100 11.53 -13.29 -3.33
CA PHE A 100 11.23 -12.45 -4.48
C PHE A 100 11.49 -13.06 -5.84
N ARG A 101 10.41 -13.19 -6.62
CA ARG A 101 10.49 -13.70 -7.98
C ARG A 101 9.33 -13.04 -8.69
N MET A 102 9.21 -13.25 -10.00
CA MET A 102 8.12 -12.67 -10.77
C MET A 102 6.82 -12.68 -9.96
N ASN A 103 6.03 -11.62 -10.07
CA ASN A 103 4.78 -11.52 -9.33
C ASN A 103 5.01 -11.58 -7.82
N VAL A 104 6.21 -11.23 -7.38
CA VAL A 104 6.54 -11.23 -5.96
C VAL A 104 7.74 -10.30 -5.74
N ALA A 105 7.50 -9.20 -5.05
CA ALA A 105 8.54 -8.22 -4.78
C ALA A 105 8.07 -7.23 -3.73
N PRO A 106 9.00 -6.53 -3.07
CA PRO A 106 8.64 -5.56 -2.05
C PRO A 106 8.47 -4.14 -2.61
N ALA A 107 7.59 -3.37 -1.98
CA ALA A 107 7.31 -1.99 -2.36
C ALA A 107 8.11 -1.05 -1.46
N CYS A 108 8.55 0.06 -2.00
CA CYS A 108 9.35 1.02 -1.25
C CYS A 108 8.59 1.93 -0.29
N LEU A 109 9.22 2.19 0.85
CA LEU A 109 8.69 3.09 1.86
C LEU A 109 9.45 4.39 1.62
N PRO A 110 8.75 5.52 1.52
CA PRO A 110 9.39 6.81 1.27
C PRO A 110 9.68 7.57 2.56
N GLU A 111 10.36 8.69 2.43
CA GLU A 111 10.68 9.54 3.57
C GLU A 111 9.43 10.39 3.83
N ARG A 112 9.07 10.61 5.09
CA ARG A 112 7.87 11.37 5.45
C ARG A 112 7.75 12.74 4.78
N ASP A 113 8.82 13.52 4.79
CA ASP A 113 8.79 14.84 4.16
C ASP A 113 8.66 14.67 2.66
N TRP A 114 9.71 14.20 2.01
CA TRP A 114 9.70 14.00 0.57
C TRP A 114 8.38 13.41 0.06
N ALA A 115 7.91 12.36 0.75
CA ALA A 115 6.67 11.68 0.37
C ALA A 115 5.46 12.59 0.30
N GLU A 116 5.16 13.26 1.42
CA GLU A 116 4.03 14.17 1.55
C GLU A 116 4.09 15.36 0.59
N SER A 117 5.32 15.73 0.24
CA SER A 117 5.54 16.85 -0.66
C SER A 117 5.57 16.48 -2.14
N THR A 118 5.83 15.21 -2.45
CA THR A 118 5.91 14.77 -3.85
C THR A 118 5.03 13.59 -4.24
N LEU A 119 4.73 12.70 -3.31
CA LEU A 119 3.93 11.53 -3.63
C LEU A 119 2.44 11.70 -3.39
N MET A 120 2.06 12.54 -2.44
CA MET A 120 0.64 12.73 -2.18
C MET A 120 0.17 14.02 -2.83
N THR A 121 1.11 14.70 -3.48
CA THR A 121 0.81 15.96 -4.15
C THR A 121 0.59 15.61 -5.61
N GLN A 122 0.73 14.33 -5.91
CA GLN A 122 0.53 13.82 -7.27
C GLN A 122 -0.95 13.77 -7.57
N LYS A 123 -1.29 13.48 -8.83
CA LYS A 123 -2.68 13.41 -9.22
C LYS A 123 -3.38 12.14 -8.78
N THR A 124 -2.71 11.00 -8.90
CA THR A 124 -3.33 9.74 -8.51
C THR A 124 -2.39 8.75 -7.82
N GLY A 125 -2.98 7.64 -7.38
CA GLY A 125 -2.25 6.57 -6.71
C GLY A 125 -2.91 5.26 -7.09
N ILE A 126 -2.33 4.14 -6.66
CA ILE A 126 -2.91 2.85 -7.01
C ILE A 126 -3.38 2.05 -5.81
N VAL A 127 -4.55 1.43 -5.96
CA VAL A 127 -5.11 0.59 -4.91
C VAL A 127 -5.40 -0.72 -5.63
N SER A 128 -5.19 -1.85 -4.97
CA SER A 128 -5.44 -3.15 -5.60
C SER A 128 -6.00 -4.13 -4.59
N GLY A 129 -6.66 -5.17 -5.08
CA GLY A 129 -7.21 -6.16 -4.17
C GLY A 129 -8.05 -7.24 -4.83
N PHE A 130 -8.51 -8.17 -3.99
CA PHE A 130 -9.36 -9.28 -4.41
C PHE A 130 -10.78 -8.97 -3.95
N GLY A 131 -10.95 -7.82 -3.30
CA GLY A 131 -12.22 -7.40 -2.75
C GLY A 131 -13.44 -7.36 -3.67
N ARG A 132 -14.60 -7.31 -3.04
CA ARG A 132 -15.90 -7.25 -3.72
C ARG A 132 -15.77 -6.31 -4.91
N THR A 133 -16.56 -6.53 -5.96
CA THR A 133 -16.48 -5.69 -7.16
C THR A 133 -17.74 -4.91 -7.49
N HIS A 134 -18.67 -4.85 -6.55
CA HIS A 134 -19.93 -4.15 -6.78
C HIS A 134 -20.74 -4.00 -5.47
N GLU A 135 -20.07 -3.60 -4.39
CA GLU A 135 -20.69 -3.44 -3.08
C GLU A 135 -21.58 -4.61 -2.66
N LYS A 136 -22.51 -5.00 -3.51
CA LYS A 136 -23.38 -6.13 -3.20
C LYS A 136 -22.80 -7.44 -3.72
N GLY A 137 -22.04 -7.36 -4.82
CA GLY A 137 -21.43 -8.53 -5.43
C GLY A 137 -20.61 -9.41 -4.51
N ARG A 138 -19.89 -10.38 -5.09
CA ARG A 138 -19.07 -11.30 -4.32
C ARG A 138 -17.57 -10.99 -4.40
N GLN A 139 -16.81 -11.62 -3.52
CA GLN A 139 -15.36 -11.46 -3.45
C GLN A 139 -14.78 -11.78 -4.84
N SER A 140 -13.91 -10.91 -5.36
CA SER A 140 -13.33 -11.16 -6.68
C SER A 140 -12.35 -12.33 -6.64
N THR A 141 -12.15 -12.94 -7.80
CA THR A 141 -11.27 -14.09 -7.92
C THR A 141 -9.96 -13.74 -8.63
N ARG A 142 -9.91 -12.56 -9.24
CA ARG A 142 -8.71 -12.07 -9.92
C ARG A 142 -8.26 -10.81 -9.19
N LEU A 143 -6.95 -10.65 -8.99
CA LEU A 143 -6.43 -9.46 -8.33
C LEU A 143 -6.45 -8.31 -9.32
N LYS A 144 -7.04 -7.18 -8.92
CA LYS A 144 -7.11 -6.03 -9.82
C LYS A 144 -6.60 -4.72 -9.21
N MET A 145 -6.29 -3.76 -10.07
CA MET A 145 -5.79 -2.46 -9.65
C MET A 145 -6.70 -1.33 -10.14
N LEU A 146 -6.84 -0.30 -9.32
CA LEU A 146 -7.68 0.84 -9.67
C LEU A 146 -6.89 2.12 -9.44
N GLU A 147 -6.76 2.92 -10.48
CA GLU A 147 -6.06 4.18 -10.36
C GLU A 147 -7.03 5.13 -9.67
N VAL A 148 -6.67 5.61 -8.50
CA VAL A 148 -7.55 6.51 -7.78
C VAL A 148 -6.88 7.85 -7.56
N PRO A 149 -7.58 8.95 -7.88
CA PRO A 149 -6.99 10.29 -7.68
C PRO A 149 -7.09 10.72 -6.22
N TYR A 150 -6.22 11.64 -5.83
CA TYR A 150 -6.23 12.13 -4.47
C TYR A 150 -7.42 13.05 -4.30
N VAL A 151 -7.89 13.14 -3.07
CA VAL A 151 -9.04 13.96 -2.74
C VAL A 151 -8.65 15.14 -1.84
N ASP A 152 -9.11 16.34 -2.21
CA ASP A 152 -8.81 17.52 -1.41
C ASP A 152 -9.24 17.28 0.02
N ARG A 153 -8.29 17.38 0.93
CA ARG A 153 -8.54 17.18 2.35
C ARG A 153 -9.88 17.78 2.79
N ASN A 154 -10.05 19.07 2.52
CA ASN A 154 -11.28 19.75 2.89
C ASN A 154 -12.48 19.05 2.31
N SER A 155 -12.48 18.89 1.00
CA SER A 155 -13.57 18.19 0.33
C SER A 155 -13.78 16.87 1.06
N CYS A 156 -12.67 16.21 1.35
CA CYS A 156 -12.67 14.94 2.05
C CYS A 156 -13.53 15.05 3.29
N LYS A 157 -13.10 15.93 4.21
CA LYS A 157 -13.78 16.14 5.47
C LYS A 157 -15.26 16.49 5.33
N LEU A 158 -15.58 17.23 4.27
CA LEU A 158 -16.97 17.60 4.04
C LEU A 158 -17.81 16.43 3.52
N SER A 159 -17.26 15.71 2.55
CA SER A 159 -17.96 14.58 1.96
C SER A 159 -18.20 13.45 2.95
N SER A 160 -17.31 13.30 3.93
CA SER A 160 -17.46 12.24 4.90
C SER A 160 -18.64 12.45 5.84
N SER A 161 -18.81 11.53 6.79
CA SER A 161 -19.88 11.58 7.78
C SER A 161 -19.22 11.18 9.09
N PHE A 162 -17.90 11.11 9.05
CA PHE A 162 -17.09 10.73 10.20
C PHE A 162 -15.83 11.59 10.31
N ILE A 163 -15.25 11.63 11.50
CA ILE A 163 -14.05 12.43 11.73
C ILE A 163 -12.82 11.84 11.06
N ILE A 164 -12.33 12.54 10.03
CA ILE A 164 -11.15 12.09 9.32
C ILE A 164 -9.90 12.53 10.08
N THR A 165 -9.41 11.69 10.98
CA THR A 165 -8.22 12.02 11.74
C THR A 165 -6.98 12.27 10.88
N GLN A 166 -5.91 12.78 11.48
CA GLN A 166 -4.66 13.07 10.78
C GLN A 166 -4.05 11.79 10.22
N ASN A 167 -4.42 10.68 10.85
CA ASN A 167 -3.94 9.36 10.47
C ASN A 167 -4.50 8.76 9.20
N MET A 168 -5.62 9.29 8.70
CA MET A 168 -6.21 8.76 7.49
C MET A 168 -6.15 9.76 6.33
N PHE A 169 -6.60 9.34 5.15
CA PHE A 169 -6.64 10.24 4.02
C PHE A 169 -7.60 9.79 2.93
N CYS A 170 -8.00 10.72 2.06
CA CYS A 170 -8.97 10.48 0.98
C CYS A 170 -8.43 10.27 -0.44
N ALA A 171 -9.05 9.34 -1.16
CA ALA A 171 -8.64 9.03 -2.53
C ALA A 171 -9.74 8.30 -3.27
N GLY A 172 -10.00 8.72 -4.50
CA GLY A 172 -11.02 8.08 -5.30
C GLY A 172 -11.82 8.99 -6.22
N TYR A 173 -13.12 8.70 -6.33
CA TYR A 173 -14.02 9.46 -7.19
C TYR A 173 -15.32 9.87 -6.47
N ASP A 174 -15.88 10.99 -6.91
CA ASP A 174 -17.13 11.49 -6.37
C ASP A 174 -18.24 10.70 -7.02
N THR A 175 -18.46 10.96 -8.31
CA THR A 175 -19.52 10.28 -9.04
C THR A 175 -19.15 8.93 -9.64
N LYS A 176 -17.98 8.81 -10.27
CA LYS A 176 -17.53 7.55 -10.89
C LYS A 176 -17.61 6.35 -9.98
N GLN A 177 -18.13 5.24 -10.50
CA GLN A 177 -18.22 4.04 -9.68
C GLN A 177 -16.92 3.23 -9.72
N GLU A 178 -15.91 3.77 -9.04
CA GLU A 178 -14.60 3.15 -8.92
C GLU A 178 -14.15 3.46 -7.51
N ASP A 179 -13.73 2.42 -6.78
CA ASP A 179 -13.29 2.54 -5.41
C ASP A 179 -13.18 1.14 -4.79
N ALA A 180 -12.28 0.99 -3.81
CA ALA A 180 -12.09 -0.29 -3.14
C ALA A 180 -13.39 -0.77 -2.55
N CYS A 181 -13.42 -1.99 -2.03
CA CYS A 181 -14.66 -2.50 -1.47
C CYS A 181 -14.48 -3.61 -0.42
N GLN A 182 -15.51 -4.42 -0.23
CA GLN A 182 -15.44 -5.51 0.75
C GLN A 182 -14.17 -6.35 0.61
N GLY A 183 -13.63 -6.78 1.74
CA GLY A 183 -12.45 -7.60 1.75
C GLY A 183 -11.22 -7.00 1.08
N ASP A 184 -11.24 -5.67 0.90
CA ASP A 184 -10.13 -4.97 0.26
C ASP A 184 -9.23 -4.26 1.26
N SER A 185 -9.66 -4.21 2.52
CA SER A 185 -8.89 -3.56 3.59
C SER A 185 -7.48 -4.11 3.65
N GLY A 186 -6.59 -3.40 4.36
CA GLY A 186 -5.21 -3.83 4.50
C GLY A 186 -4.45 -3.72 3.19
N GLY A 187 -5.20 -3.75 2.09
CA GLY A 187 -4.64 -3.67 0.75
C GLY A 187 -3.61 -2.57 0.56
N PRO A 188 -2.87 -2.59 -0.56
CA PRO A 188 -1.88 -1.54 -0.76
C PRO A 188 -2.38 -0.38 -1.59
N HIS A 189 -1.90 0.82 -1.24
CA HIS A 189 -2.19 2.05 -1.97
C HIS A 189 -0.77 2.49 -2.26
N VAL A 190 -0.38 2.44 -3.53
CA VAL A 190 0.96 2.82 -3.92
C VAL A 190 0.94 4.02 -4.87
N THR A 191 2.02 4.80 -4.83
CA THR A 191 2.12 5.97 -5.70
C THR A 191 3.39 5.81 -6.52
N ARG A 192 3.25 5.99 -7.83
CA ARG A 192 4.36 5.85 -8.76
C ARG A 192 5.13 7.15 -9.02
N PHE A 193 6.46 7.05 -8.98
CA PHE A 193 7.35 8.19 -9.25
C PHE A 193 8.58 7.69 -10.00
N LYS A 194 8.55 7.83 -11.33
CA LYS A 194 9.63 7.40 -12.20
C LYS A 194 9.69 5.89 -12.37
N ASP A 195 8.52 5.25 -12.39
CA ASP A 195 8.41 3.81 -12.58
C ASP A 195 8.71 2.95 -11.35
N THR A 196 9.00 3.61 -10.23
CA THR A 196 9.24 2.92 -8.97
C THR A 196 8.06 3.27 -8.08
N TYR A 197 7.49 2.26 -7.43
CA TYR A 197 6.35 2.49 -6.57
C TYR A 197 6.70 2.63 -5.08
N PHE A 198 5.95 3.47 -4.38
CA PHE A 198 6.13 3.73 -2.94
C PHE A 198 4.82 3.51 -2.18
N VAL A 199 4.90 2.96 -0.97
CA VAL A 199 3.71 2.69 -0.15
C VAL A 199 3.10 3.96 0.42
N THR A 200 2.06 4.46 -0.22
CA THR A 200 1.41 5.68 0.24
C THR A 200 0.04 5.52 0.89
N GLY A 201 -0.19 4.40 1.59
CA GLY A 201 -1.47 4.20 2.25
C GLY A 201 -2.03 2.78 2.32
N ILE A 202 -2.77 2.50 3.38
CA ILE A 202 -3.39 1.20 3.61
C ILE A 202 -4.88 1.32 3.31
N VAL A 203 -5.50 0.23 2.84
CA VAL A 203 -6.93 0.26 2.57
C VAL A 203 -7.65 0.20 3.91
N SER A 204 -8.29 1.30 4.29
CA SER A 204 -8.96 1.33 5.58
C SER A 204 -10.48 1.25 5.53
N TRP A 205 -11.15 2.30 5.06
CA TRP A 205 -12.59 2.27 5.05
C TRP A 205 -13.28 3.23 4.11
N GLY A 206 -14.60 3.23 4.21
CA GLY A 206 -15.43 4.09 3.39
C GLY A 206 -16.89 3.82 3.67
N GLU A 207 -17.77 4.74 3.31
CA GLU A 207 -19.20 4.54 3.55
C GLU A 207 -19.79 3.87 2.31
N GLY A 208 -19.62 2.56 2.23
CA GLY A 208 -20.10 1.79 1.10
C GLY A 208 -19.03 1.60 0.04
N CYS A 209 -19.44 1.24 -1.16
CA CYS A 209 -18.48 1.04 -2.24
C CYS A 209 -18.94 1.82 -3.47
N ALA A 210 -18.14 2.82 -3.84
CA ALA A 210 -18.45 3.63 -5.01
C ALA A 210 -19.63 4.57 -4.81
N ARG A 211 -20.12 4.67 -3.58
CA ARG A 211 -21.25 5.54 -3.29
C ARG A 211 -20.99 6.99 -3.70
N LYS A 212 -21.90 7.53 -4.49
CA LYS A 212 -21.80 8.91 -4.96
C LYS A 212 -21.72 9.87 -3.75
N GLY A 213 -20.90 10.90 -3.91
CA GLY A 213 -20.74 11.89 -2.86
C GLY A 213 -19.75 11.46 -1.80
N LYS A 214 -19.59 10.15 -1.65
CA LYS A 214 -18.67 9.59 -0.68
C LYS A 214 -17.37 9.15 -1.36
N TYR A 215 -16.30 9.05 -0.58
CA TYR A 215 -15.00 8.62 -1.10
C TYR A 215 -14.52 7.39 -0.33
N GLY A 216 -13.23 7.09 -0.50
CA GLY A 216 -12.62 5.95 0.16
C GLY A 216 -11.46 6.39 1.04
N ILE A 217 -11.58 6.13 2.34
CA ILE A 217 -10.55 6.53 3.29
C ILE A 217 -9.40 5.52 3.40
N TYR A 218 -8.17 6.03 3.31
CA TYR A 218 -6.96 5.23 3.40
C TYR A 218 -6.11 5.61 4.60
N THR A 219 -5.48 4.61 5.23
CA THR A 219 -4.61 4.87 6.35
C THR A 219 -3.37 5.58 5.81
N LYS A 220 -3.16 6.81 6.27
CA LYS A 220 -2.01 7.59 5.85
C LYS A 220 -0.71 6.97 6.32
N VAL A 221 -0.14 6.07 5.52
CA VAL A 221 1.12 5.44 5.90
C VAL A 221 2.18 6.50 6.24
N THR A 222 2.35 7.48 5.35
CA THR A 222 3.33 8.54 5.54
C THR A 222 3.45 9.02 6.99
N ALA A 223 2.32 9.05 7.70
CA ALA A 223 2.32 9.50 9.09
C ALA A 223 2.65 8.38 10.08
N PHE A 224 3.07 7.23 9.56
CA PHE A 224 3.43 6.08 10.41
C PHE A 224 4.81 5.48 10.16
N LEU A 225 5.60 6.11 9.30
CA LEU A 225 6.94 5.63 9.00
C LEU A 225 7.73 5.23 10.24
N LYS A 226 8.17 6.19 11.05
CA LYS A 226 8.95 5.89 12.26
C LYS A 226 8.43 4.69 13.07
N TRP A 227 7.11 4.48 13.07
CA TRP A 227 6.46 3.37 13.80
C TRP A 227 6.79 2.10 13.05
N ILE A 228 6.35 2.07 11.79
CA ILE A 228 6.56 0.93 10.90
C ILE A 228 8.04 0.62 10.90
N ASP A 229 8.87 1.65 11.03
CA ASP A 229 10.30 1.46 11.02
C ASP A 229 10.74 0.64 12.23
N ARG A 230 10.72 1.26 13.41
CA ARG A 230 11.11 0.54 14.62
C ARG A 230 10.08 -0.56 14.92
N SER A 231 9.31 -0.91 13.89
CA SER A 231 8.31 -1.95 13.98
C SER A 231 9.01 -3.14 13.34
N MET A 232 9.77 -2.86 12.28
CA MET A 232 10.51 -3.89 11.58
C MET A 232 11.81 -4.13 12.35
N LYS A 233 11.64 -4.29 13.66
CA LYS A 233 12.72 -4.56 14.61
C LYS A 233 11.90 -5.24 15.70
N THR A 234 10.60 -5.25 15.48
CA THR A 234 9.59 -5.82 16.36
C THR A 234 9.43 -4.98 17.63
N ARG A 235 8.22 -4.45 17.82
CA ARG A 235 7.90 -3.61 18.98
C ARG A 235 6.39 -3.56 19.21
N LYS B 44 20.11 24.32 -6.25
CA LYS B 44 19.21 23.83 -5.21
C LYS B 44 17.78 23.62 -5.75
N LEU B 45 16.82 23.67 -4.84
CA LEU B 45 15.41 23.52 -5.17
C LEU B 45 15.02 22.07 -5.42
N CYS B 46 14.43 21.43 -4.41
CA CYS B 46 13.95 20.06 -4.55
C CYS B 46 12.55 20.27 -5.09
N SER B 47 12.28 21.49 -5.55
CA SER B 47 10.97 21.86 -6.06
C SER B 47 10.90 21.98 -7.58
N LEU B 48 12.04 22.26 -8.22
CA LEU B 48 12.03 22.41 -9.66
C LEU B 48 11.54 21.13 -10.34
N ASP B 49 12.34 20.08 -10.23
CA ASP B 49 12.01 18.80 -10.80
C ASP B 49 12.63 17.77 -9.88
N ASN B 50 12.13 17.77 -8.65
CA ASN B 50 12.60 16.87 -7.60
C ASN B 50 14.11 16.95 -7.40
N GLY B 51 14.69 18.08 -7.83
CA GLY B 51 16.12 18.28 -7.68
C GLY B 51 16.90 17.45 -8.68
N ASP B 52 16.18 16.87 -9.64
CA ASP B 52 16.77 16.03 -10.68
C ASP B 52 17.12 14.65 -10.12
N CYS B 53 16.74 14.42 -8.88
CA CYS B 53 16.98 13.16 -8.22
C CYS B 53 16.12 12.05 -8.82
N ASP B 54 16.50 10.81 -8.57
CA ASP B 54 15.69 9.70 -9.06
C ASP B 54 14.55 9.44 -8.09
N GLN B 55 14.85 9.45 -6.81
CA GLN B 55 13.83 9.19 -5.83
C GLN B 55 13.73 10.30 -4.78
N PHE B 56 14.32 10.09 -3.61
CA PHE B 56 14.25 11.08 -2.55
C PHE B 56 14.95 12.40 -2.87
N CYS B 57 14.73 13.42 -2.02
CA CYS B 57 15.34 14.73 -2.21
C CYS B 57 15.43 15.54 -0.92
N HIS B 58 16.56 16.22 -0.71
CA HIS B 58 16.77 17.02 0.48
C HIS B 58 17.56 18.29 0.18
N GLU B 59 17.01 19.43 0.59
CA GLU B 59 17.66 20.71 0.35
C GLU B 59 18.61 21.00 1.50
N GLU B 60 19.78 20.36 1.48
CA GLU B 60 20.76 20.58 2.53
C GLU B 60 21.26 22.01 2.45
N GLN B 61 20.88 22.79 3.46
CA GLN B 61 21.26 24.19 3.53
C GLN B 61 21.04 24.92 2.20
N ASN B 62 22.12 25.27 1.53
CA ASN B 62 22.01 25.98 0.26
C ASN B 62 21.63 25.12 -0.94
N SER B 63 22.28 23.96 -1.10
CA SER B 63 22.01 23.06 -2.23
C SER B 63 21.09 21.88 -1.93
N VAL B 64 20.99 20.98 -2.90
CA VAL B 64 20.14 19.79 -2.79
C VAL B 64 20.95 18.51 -2.73
N VAL B 65 20.44 17.52 -1.99
CA VAL B 65 21.11 16.24 -1.84
C VAL B 65 20.14 15.07 -2.01
N CYS B 66 20.44 14.18 -2.95
CA CYS B 66 19.59 13.03 -3.25
C CYS B 66 19.89 11.78 -2.41
N SER B 67 18.95 10.84 -2.44
CA SER B 67 19.07 9.56 -1.74
C SER B 67 18.02 8.55 -2.24
N CYS B 68 18.25 7.28 -1.95
CA CYS B 68 17.36 6.21 -2.40
C CYS B 68 16.85 5.40 -1.23
N ALA B 69 15.93 4.48 -1.52
CA ALA B 69 15.36 3.64 -0.47
C ALA B 69 16.25 2.42 -0.28
N ARG B 70 16.13 1.74 0.87
CA ARG B 70 16.96 0.56 1.13
C ARG B 70 16.85 -0.39 -0.03
N GLY B 71 17.99 -0.76 -0.61
CA GLY B 71 17.97 -1.67 -1.73
C GLY B 71 18.66 -1.08 -2.93
N TYR B 72 18.64 0.24 -3.01
CA TYR B 72 19.29 0.91 -4.12
C TYR B 72 20.58 1.49 -3.56
N THR B 73 21.32 2.16 -4.43
CA THR B 73 22.59 2.80 -4.07
C THR B 73 22.72 4.03 -4.98
N LEU B 74 23.13 5.15 -4.38
CA LEU B 74 23.26 6.41 -5.12
C LEU B 74 24.34 6.39 -6.19
N ALA B 75 23.93 6.58 -7.45
CA ALA B 75 24.88 6.57 -8.55
C ALA B 75 25.99 7.58 -8.32
N ASP B 76 26.91 7.68 -9.27
CA ASP B 76 28.03 8.60 -9.15
C ASP B 76 27.53 10.02 -9.24
N ASN B 77 26.65 10.29 -10.20
CA ASN B 77 26.13 11.64 -10.35
C ASN B 77 25.39 12.10 -9.09
N GLY B 78 25.22 11.20 -8.13
CA GLY B 78 24.54 11.54 -6.90
C GLY B 78 23.09 11.95 -7.07
N LYS B 79 22.49 11.53 -8.19
CA LYS B 79 21.10 11.85 -8.48
C LYS B 79 20.28 10.59 -8.77
N ALA B 80 20.91 9.59 -9.38
CA ALA B 80 20.23 8.34 -9.71
C ALA B 80 20.28 7.29 -8.58
N CYS B 81 19.44 6.27 -8.73
CA CYS B 81 19.36 5.20 -7.77
C CYS B 81 19.64 3.91 -8.48
N ILE B 82 20.49 3.09 -7.89
CA ILE B 82 20.84 1.83 -8.50
C ILE B 82 20.59 0.65 -7.57
N PRO B 83 19.83 -0.33 -8.06
CA PRO B 83 19.52 -1.53 -7.28
C PRO B 83 20.79 -2.27 -6.82
N THR B 84 20.59 -3.37 -6.10
CA THR B 84 21.70 -4.18 -5.63
C THR B 84 21.23 -5.64 -5.62
N GLY B 85 19.94 -5.82 -5.88
CA GLY B 85 19.36 -7.15 -5.92
C GLY B 85 18.53 -7.28 -7.17
N PRO B 86 18.14 -8.50 -7.55
CA PRO B 86 17.33 -8.76 -8.76
C PRO B 86 15.92 -8.22 -8.58
N TYR B 87 15.54 -8.05 -7.32
CA TYR B 87 14.22 -7.57 -6.97
C TYR B 87 14.28 -6.39 -6.01
N PRO B 88 14.44 -5.18 -6.56
CA PRO B 88 14.51 -3.93 -5.78
C PRO B 88 13.07 -3.55 -5.42
N CYS B 89 12.90 -2.81 -4.33
CA CYS B 89 11.55 -2.41 -3.96
C CYS B 89 10.98 -1.45 -5.01
N GLY B 90 9.66 -1.37 -5.08
CA GLY B 90 9.00 -0.46 -5.99
C GLY B 90 9.05 -0.73 -7.47
N LYS B 91 9.86 -1.69 -7.89
CA LYS B 91 9.96 -2.05 -9.30
C LYS B 91 8.96 -3.13 -9.68
N GLN B 92 8.35 -3.01 -10.85
CA GLN B 92 7.39 -4.02 -11.29
C GLN B 92 8.20 -5.17 -11.91
N THR B 93 7.93 -6.39 -11.46
CA THR B 93 8.64 -7.56 -11.98
C THR B 93 8.13 -7.92 -13.37
N LEU B 94 8.69 -7.30 -14.40
CA LEU B 94 8.25 -7.58 -15.77
C LEU B 94 9.33 -8.37 -16.55
CA CA C . -3.49 -19.06 -7.75
C1 XMH D . -19.48 0.35 7.92
C2 XMH D . -14.74 6.52 11.20
N3 XMH D . -17.51 3.92 10.14
C4 XMH D . -16.66 4.86 10.96
C5 XMH D . -15.52 5.64 10.36
C6 XMH D . -18.69 3.11 10.75
C7 XMH D . -16.91 5.07 12.43
C8 XMH D . -17.25 3.70 8.62
C9 XMH D . -18.89 1.65 8.59
C10 XMH D . -18.92 1.67 10.17
N11 XMH D . -15.01 6.69 12.56
C12 XMH D . -16.07 5.98 13.16
C13 XMH D . -17.54 2.28 8.03
S14 XMH D . -16.78 -2.37 3.16
O15 XMH D . -17.81 -2.23 1.99
C16 XMH D . -19.67 -1.26 5.83
C17 XMH D . -18.93 -1.57 4.51
N18 XMH D . -17.52 -2.00 4.66
C19 XMH D . -17.47 -1.05 7.08
C20 XMH D . -16.69 -1.31 5.74
N21 XMH D . -18.82 -0.40 6.79
O22 XMH D . -16.36 -3.83 3.22
C23 XMH D . -15.58 -0.23 1.80
C24 XMH D . -15.41 -1.36 2.73
C25 XMH D . -13.03 0.31 2.07
C26 XMH D . -12.91 -0.83 3.01
C27 XMH D . -14.06 -1.64 3.32
C28 XMH D . -14.43 0.63 1.44
CL29 XMH D . -10.67 3.21 0.41
C30 XMH D . -14.54 1.77 0.49
C31 XMH D . -11.91 1.15 1.71
C32 XMH D . -13.38 2.55 0.18
C33 XMH D . -12.06 2.25 0.79
C34 XMH D . -21.18 -0.82 5.54
O35 XMH D . -21.54 -0.51 4.25
C36 XMH D . -22.59 -1.29 3.55
C37 XMH D . -23.98 -0.61 3.48
O38 XMH D . -22.01 -1.18 6.38
#